data_4ATN
#
_entry.id   4ATN
#
_cell.length_a   92.090
_cell.length_b   92.090
_cell.length_c   83.090
_cell.angle_alpha   90.00
_cell.angle_beta   90.00
_cell.angle_gamma   120.00
#
_symmetry.space_group_name_H-M   'P 31 2 1'
#
loop_
_entity.id
_entity.type
_entity.pdbx_description
1 polymer 'RIBOSOMAL RNA LARGE SUBUNIT METHYLTRANSFERASE M'
2 non-polymer GLYCEROL
3 non-polymer 1,2-ETHANEDIOL
4 non-polymer 'SULFATE ION'
5 water water
#
_entity_poly.entity_id   1
_entity_poly.type   'polypeptide(L)'
_entity_poly.pdbx_seq_one_letter_code
;MNKVVLLCRPGFEKECAAEITDKAGQREIFGFARVKENAGYVIYECYQPDDGDKLIRELPFSSLIFARQWFVVGELLQHL
PPEDRITPIVGMLQGVVEKGGELRVEVADTNESKELLKFCRKFTVPLRAALRDAGVLANYETPKRPVVHVFFIAPG
(CSS)CYTGYSYSNNNSPFYMGIPRLKFPADAPSRSTLKLEEAFHVFIPADEWDERLANGMWAVDLGACPGGWTYQLVKR
NMWVYSVDNGPMAQSLMDTGQVTWLREDGFKFRPTRSNISWMVCDMVEKPAKVAALMAQWLVNGWCRETIFNLKLPMKKR
YEEVSHNLAYIQAQLDEHGINAQIQARQLYHDREEVTVHVRRIWAAVGGRRDERSKGHHHHHH
;
_entity_poly.pdbx_strand_id   A
#
loop_
_chem_comp.id
_chem_comp.type
_chem_comp.name
_chem_comp.formula
EDO non-polymer 1,2-ETHANEDIOL 'C2 H6 O2'
GOL non-polymer GLYCEROL 'C3 H8 O3'
SO4 non-polymer 'SULFATE ION' 'O4 S -2'
#
# COMPACT_ATOMS: atom_id res chain seq x y z
N MET A 1 -2.27 -13.76 -21.54
CA MET A 1 -2.68 -12.40 -21.22
C MET A 1 -1.43 -11.55 -20.99
N ASN A 2 -1.42 -10.37 -21.60
CA ASN A 2 -0.25 -9.53 -21.62
C ASN A 2 -0.46 -8.23 -20.88
N LYS A 3 -1.71 -7.93 -20.53
CA LYS A 3 -2.03 -6.65 -19.89
C LYS A 3 -2.13 -6.78 -18.36
N VAL A 4 -1.44 -5.88 -17.66
CA VAL A 4 -1.50 -5.84 -16.21
C VAL A 4 -2.03 -4.46 -15.80
N VAL A 5 -3.14 -4.44 -15.07
CA VAL A 5 -3.69 -3.20 -14.55
C VAL A 5 -3.02 -2.90 -13.22
N LEU A 6 -2.60 -1.65 -13.01
CA LEU A 6 -2.10 -1.23 -11.70
C LEU A 6 -2.94 -0.04 -11.25
N LEU A 7 -3.52 -0.15 -10.06
CA LEU A 7 -4.32 0.93 -9.50
C LEU A 7 -3.39 1.94 -8.82
N CYS A 8 -3.61 3.24 -9.04
CA CYS A 8 -2.75 4.24 -8.43
C CYS A 8 -3.54 5.47 -7.98
N ARG A 9 -2.87 6.37 -7.26
CA ARG A 9 -3.51 7.63 -6.93
C ARG A 9 -3.70 8.43 -8.22
N PRO A 10 -4.90 8.96 -8.47
CA PRO A 10 -5.12 9.78 -9.67
C PRO A 10 -4.12 10.93 -9.74
N GLY A 11 -3.50 11.12 -10.89
CA GLY A 11 -2.45 12.12 -11.02
C GLY A 11 -1.05 11.56 -10.88
N PHE A 12 -0.93 10.30 -10.46
CA PHE A 12 0.37 9.61 -10.36
C PHE A 12 0.57 8.49 -11.35
N GLU A 13 -0.23 8.50 -12.41
CA GLU A 13 -0.12 7.51 -13.48
C GLU A 13 1.27 7.52 -14.12
N LYS A 14 1.89 8.69 -14.27
CA LYS A 14 3.20 8.74 -14.92
C LYS A 14 4.27 8.05 -14.06
N GLU A 15 4.19 8.24 -12.74
CA GLU A 15 5.11 7.59 -11.81
C GLU A 15 4.89 6.09 -11.83
N CYS A 16 3.63 5.68 -11.67
CA CYS A 16 3.24 4.29 -11.71
C CYS A 16 3.71 3.62 -13.00
N ALA A 17 3.48 4.28 -14.13
CA ALA A 17 3.90 3.75 -15.43
C ALA A 17 5.43 3.69 -15.58
N ALA A 18 6.13 4.73 -15.14
CA ALA A 18 7.59 4.72 -15.20
C ALA A 18 8.17 3.59 -14.34
N GLU A 19 7.62 3.41 -13.15
CA GLU A 19 8.13 2.39 -12.24
C GLU A 19 7.93 0.96 -12.77
N ILE A 20 6.72 0.65 -13.25
CA ILE A 20 6.49 -0.71 -13.71
C ILE A 20 7.29 -1.01 -15.00
N THR A 21 7.41 -0.02 -15.88
CA THR A 21 8.22 -0.19 -17.08
C THR A 21 9.69 -0.50 -16.71
N ASP A 22 10.21 0.27 -15.76
CA ASP A 22 11.55 0.07 -15.22
C ASP A 22 11.75 -1.34 -14.64
N LYS A 23 10.92 -1.69 -13.64
CA LYS A 23 11.14 -2.92 -12.90
C LYS A 23 10.80 -4.19 -13.70
N ALA A 24 9.82 -4.09 -14.59
CA ALA A 24 9.52 -5.20 -15.49
C ALA A 24 10.63 -5.35 -16.52
N GLY A 25 11.10 -4.22 -17.03
CA GLY A 25 12.23 -4.19 -17.96
C GLY A 25 13.48 -4.85 -17.40
N GLN A 26 13.74 -4.64 -16.11
CA GLN A 26 14.88 -5.26 -15.45
C GLN A 26 14.81 -6.80 -15.54
N ARG A 27 13.61 -7.33 -15.70
CA ARG A 27 13.40 -8.77 -15.79
C ARG A 27 13.21 -9.24 -17.22
N GLU A 28 13.47 -8.36 -18.17
CA GLU A 28 13.23 -8.63 -19.59
C GLU A 28 11.77 -8.95 -19.88
N ILE A 29 10.87 -8.37 -19.10
CA ILE A 29 9.44 -8.47 -19.40
C ILE A 29 9.10 -7.13 -20.02
N PHE A 30 9.45 -7.00 -21.31
CA PHE A 30 9.32 -5.73 -21.98
C PHE A 30 7.86 -5.44 -22.35
N GLY A 31 7.55 -4.16 -22.49
CA GLY A 31 6.22 -3.73 -22.87
C GLY A 31 6.13 -2.24 -22.68
N PHE A 32 4.93 -1.69 -22.73
CA PHE A 32 4.75 -0.26 -22.53
C PHE A 32 3.48 0.01 -21.75
N ALA A 33 3.44 1.17 -21.11
CA ALA A 33 2.22 1.61 -20.44
C ALA A 33 1.87 3.00 -20.91
N ARG A 34 0.68 3.15 -21.47
CA ARG A 34 0.18 4.48 -21.77
C ARG A 34 -0.17 5.18 -20.46
N VAL A 35 -0.25 6.50 -20.51
CA VAL A 35 -0.57 7.28 -19.33
C VAL A 35 -1.79 8.17 -19.60
N LYS A 36 -2.92 7.81 -19.00
CA LYS A 36 -4.09 8.68 -19.03
C LYS A 36 -4.11 9.48 -17.73
N GLU A 37 -3.78 10.76 -17.82
CA GLU A 37 -3.75 11.64 -16.65
C GLU A 37 -5.04 11.59 -15.84
N ASN A 38 -4.86 11.40 -14.54
CA ASN A 38 -5.96 11.38 -13.58
C ASN A 38 -6.93 10.20 -13.73
N ALA A 39 -6.57 9.21 -14.53
CA ALA A 39 -7.43 8.03 -14.66
C ALA A 39 -7.45 7.16 -13.40
N GLY A 40 -6.38 7.22 -12.61
CA GLY A 40 -6.30 6.42 -11.39
C GLY A 40 -5.90 4.97 -11.63
N TYR A 41 -5.44 4.69 -12.85
CA TYR A 41 -4.87 3.39 -13.16
C TYR A 41 -3.95 3.50 -14.37
N VAL A 42 -3.15 2.46 -14.53
CA VAL A 42 -2.18 2.34 -15.59
C VAL A 42 -2.31 0.91 -16.07
N ILE A 43 -2.19 0.69 -17.37
CA ILE A 43 -2.13 -0.66 -17.89
C ILE A 43 -0.79 -0.88 -18.55
N TYR A 44 -0.03 -1.80 -18.00
CA TYR A 44 1.23 -2.20 -18.60
C TYR A 44 0.96 -3.33 -19.57
N GLU A 45 1.23 -3.07 -20.85
CA GLU A 45 0.96 -4.03 -21.89
C GLU A 45 2.24 -4.73 -22.32
N CYS A 46 2.40 -5.99 -21.90
CA CYS A 46 3.59 -6.73 -22.22
C CYS A 46 3.65 -7.02 -23.72
N TYR A 47 4.87 -7.03 -24.27
CA TYR A 47 5.07 -7.42 -25.66
C TYR A 47 4.71 -8.89 -25.86
N GLN A 48 5.13 -9.75 -24.95
CA GLN A 48 4.84 -11.17 -25.11
C GLN A 48 3.46 -11.49 -24.55
N PRO A 49 2.67 -12.26 -25.32
CA PRO A 49 1.25 -12.50 -25.02
C PRO A 49 0.91 -13.16 -23.67
N ASP A 50 1.83 -13.88 -23.03
CA ASP A 50 1.54 -14.46 -21.71
C ASP A 50 2.50 -13.95 -20.62
N ASP A 51 3.18 -12.84 -20.89
CA ASP A 51 4.10 -12.23 -19.92
C ASP A 51 3.34 -11.54 -18.78
N GLY A 52 2.06 -11.25 -19.00
CA GLY A 52 1.22 -10.66 -17.96
C GLY A 52 1.17 -11.57 -16.73
N ASP A 53 0.88 -12.85 -16.94
CA ASP A 53 0.94 -13.82 -15.85
C ASP A 53 2.33 -13.97 -15.23
N LYS A 54 3.36 -13.99 -16.07
CA LYS A 54 4.73 -14.10 -15.57
C LYS A 54 5.10 -12.90 -14.70
N LEU A 55 4.69 -11.71 -15.13
CA LEU A 55 5.03 -10.52 -14.38
C LEU A 55 4.43 -10.55 -12.99
N ILE A 56 3.15 -10.89 -12.89
CA ILE A 56 2.50 -10.85 -11.58
C ILE A 56 2.84 -12.04 -10.66
N ARG A 57 3.54 -13.03 -11.21
CA ARG A 57 4.09 -14.13 -10.39
C ARG A 57 5.49 -13.82 -9.87
N GLU A 58 6.32 -13.22 -10.72
CA GLU A 58 7.76 -13.16 -10.47
C GLU A 58 8.26 -11.86 -9.87
N LEU A 59 7.68 -10.75 -10.31
CA LEU A 59 8.05 -9.47 -9.74
C LEU A 59 7.32 -9.31 -8.39
N PRO A 60 8.08 -9.10 -7.31
CA PRO A 60 7.39 -8.99 -6.01
C PRO A 60 6.54 -7.72 -5.94
N PHE A 61 5.25 -7.87 -5.65
CA PHE A 61 4.35 -6.72 -5.58
C PHE A 61 4.81 -5.70 -4.53
N SER A 62 5.39 -6.20 -3.43
CA SER A 62 5.89 -5.34 -2.37
C SER A 62 6.98 -4.36 -2.83
N SER A 63 7.59 -4.65 -3.99
CA SER A 63 8.65 -3.80 -4.51
C SER A 63 8.14 -2.58 -5.30
N LEU A 64 6.83 -2.51 -5.52
CA LEU A 64 6.25 -1.38 -6.25
C LEU A 64 5.82 -0.27 -5.29
N ILE A 65 6.28 0.94 -5.57
CA ILE A 65 5.99 2.08 -4.70
C ILE A 65 4.66 2.71 -5.05
N PHE A 66 4.39 2.87 -6.34
CA PHE A 66 3.25 3.69 -6.77
C PHE A 66 1.99 2.93 -7.19
N ALA A 67 2.00 1.61 -7.04
CA ALA A 67 0.82 0.80 -7.32
C ALA A 67 0.16 0.39 -5.99
N ARG A 68 -1.13 0.68 -5.86
CA ARG A 68 -1.89 0.26 -4.68
C ARG A 68 -2.25 -1.22 -4.76
N GLN A 69 -2.41 -1.70 -6.00
CA GLN A 69 -2.85 -3.06 -6.30
C GLN A 69 -2.56 -3.31 -7.77
N TRP A 70 -2.45 -4.58 -8.16
CA TRP A 70 -2.38 -4.95 -9.56
C TRP A 70 -3.09 -6.26 -9.85
N PHE A 71 -3.38 -6.49 -11.13
CA PHE A 71 -3.95 -7.75 -11.58
C PHE A 71 -3.82 -7.89 -13.10
N VAL A 72 -3.70 -9.12 -13.56
CA VAL A 72 -3.57 -9.33 -14.99
C VAL A 72 -4.98 -9.39 -15.57
N VAL A 73 -5.18 -8.81 -16.77
CA VAL A 73 -6.51 -8.79 -17.39
C VAL A 73 -6.50 -9.28 -18.85
N GLY A 74 -7.68 -9.52 -19.39
CA GLY A 74 -7.85 -9.89 -20.79
C GLY A 74 -8.30 -8.67 -21.57
N GLU A 75 -9.11 -8.89 -22.60
CA GLU A 75 -9.56 -7.79 -23.45
C GLU A 75 -10.70 -7.02 -22.80
N LEU A 76 -10.87 -5.76 -23.20
CA LEU A 76 -11.93 -4.91 -22.65
C LEU A 76 -13.31 -5.32 -23.13
N LEU A 77 -14.25 -5.51 -22.19
CA LEU A 77 -15.65 -5.69 -22.54
C LEU A 77 -16.32 -4.32 -22.57
N GLN A 78 -16.96 -4.01 -23.69
CA GLN A 78 -17.67 -2.74 -23.84
C GLN A 78 -19.17 -2.99 -24.01
N HIS A 79 -19.99 -2.02 -23.61
CA HIS A 79 -21.43 -2.09 -23.84
C HIS A 79 -22.11 -3.31 -23.18
N LEU A 80 -21.80 -3.56 -21.92
CA LEU A 80 -22.51 -4.58 -21.15
C LEU A 80 -23.99 -4.18 -21.07
N PRO A 81 -24.89 -5.00 -21.61
CA PRO A 81 -26.33 -4.69 -21.61
C PRO A 81 -26.93 -4.90 -20.23
N PRO A 82 -27.80 -3.98 -19.76
CA PRO A 82 -28.38 -4.13 -18.42
C PRO A 82 -29.25 -5.37 -18.32
N GLU A 83 -29.79 -5.82 -19.44
CA GLU A 83 -30.65 -7.00 -19.46
C GLU A 83 -29.83 -8.29 -19.54
N ASP A 84 -28.52 -8.15 -19.73
CA ASP A 84 -27.66 -9.31 -19.91
C ASP A 84 -26.26 -9.02 -19.33
N ARG A 85 -26.19 -8.80 -18.02
CA ARG A 85 -24.92 -8.39 -17.38
C ARG A 85 -24.01 -9.54 -16.95
N ILE A 86 -24.57 -10.74 -16.85
CA ILE A 86 -23.86 -11.85 -16.23
C ILE A 86 -23.13 -12.70 -17.25
N THR A 87 -23.83 -13.14 -18.28
CA THR A 87 -23.24 -14.01 -19.30
C THR A 87 -21.95 -13.48 -19.95
N PRO A 88 -21.93 -12.20 -20.39
CA PRO A 88 -20.68 -11.74 -21.03
C PRO A 88 -19.46 -11.80 -20.10
N ILE A 89 -19.65 -11.53 -18.81
CA ILE A 89 -18.53 -11.57 -17.85
C ILE A 89 -18.10 -13.01 -17.51
N VAL A 90 -19.08 -13.88 -17.28
CA VAL A 90 -18.81 -15.31 -17.10
C VAL A 90 -18.02 -15.84 -18.30
N GLY A 91 -18.44 -15.47 -19.50
CA GLY A 91 -17.78 -15.92 -20.71
C GLY A 91 -16.33 -15.47 -20.81
N MET A 92 -16.05 -14.28 -20.31
CA MET A 92 -14.69 -13.74 -20.34
CA MET A 92 -14.68 -13.77 -20.36
C MET A 92 -13.76 -14.53 -19.42
N LEU A 93 -14.31 -14.98 -18.29
CA LEU A 93 -13.51 -15.64 -17.25
C LEU A 93 -13.45 -17.17 -17.33
N GLN A 94 -14.40 -17.76 -18.03
CA GLN A 94 -14.46 -19.21 -18.18
C GLN A 94 -13.16 -19.69 -18.85
N GLY A 95 -12.48 -20.63 -18.20
CA GLY A 95 -11.24 -21.15 -18.74
C GLY A 95 -10.05 -20.24 -18.52
N VAL A 96 -10.26 -19.12 -17.85
CA VAL A 96 -9.14 -18.24 -17.50
C VAL A 96 -8.77 -18.50 -16.05
N VAL A 97 -9.80 -18.60 -15.21
CA VAL A 97 -9.66 -18.91 -13.79
C VAL A 97 -10.65 -20.00 -13.44
N GLU A 98 -10.19 -21.04 -12.74
CA GLU A 98 -11.08 -22.06 -12.21
C GLU A 98 -10.92 -22.21 -10.71
N LYS A 99 -12.05 -22.28 -9.99
CA LYS A 99 -12.03 -22.39 -8.54
C LYS A 99 -11.19 -21.29 -7.88
N GLY A 100 -11.38 -20.06 -8.31
CA GLY A 100 -10.74 -18.92 -7.70
C GLY A 100 -11.24 -18.67 -6.29
N GLY A 101 -10.53 -17.83 -5.54
CA GLY A 101 -10.72 -17.78 -4.10
C GLY A 101 -11.60 -16.67 -3.56
N GLU A 102 -11.74 -15.59 -4.31
CA GLU A 102 -12.42 -14.39 -3.85
C GLU A 102 -12.73 -13.54 -5.08
N LEU A 103 -13.79 -12.74 -5.01
CA LEU A 103 -14.13 -11.84 -6.12
C LEU A 103 -14.04 -10.39 -5.62
N ARG A 104 -13.41 -9.53 -6.42
CA ARG A 104 -13.40 -8.09 -6.16
C ARG A 104 -13.82 -7.35 -7.41
N VAL A 105 -14.92 -6.61 -7.31
CA VAL A 105 -15.37 -5.81 -8.45
C VAL A 105 -15.04 -4.36 -8.13
N GLU A 106 -14.04 -3.81 -8.82
CA GLU A 106 -13.42 -2.56 -8.41
C GLU A 106 -13.53 -1.46 -9.47
N VAL A 107 -13.25 -0.22 -9.08
CA VAL A 107 -13.15 0.88 -10.03
C VAL A 107 -11.90 1.70 -9.74
N ALA A 108 -11.60 2.66 -10.62
CA ALA A 108 -10.56 3.64 -10.32
C ALA A 108 -11.04 4.51 -9.17
N ASP A 109 -10.11 4.95 -8.34
CA ASP A 109 -10.40 5.80 -7.18
C ASP A 109 -10.56 7.28 -7.56
N THR A 110 -11.51 7.57 -8.45
CA THR A 110 -11.80 8.94 -8.87
C THR A 110 -13.17 9.36 -8.37
N ASN A 111 -13.40 10.67 -8.30
CA ASN A 111 -14.74 11.17 -7.95
C ASN A 111 -15.75 10.76 -9.00
N GLU A 112 -15.31 10.72 -10.25
CA GLU A 112 -16.22 10.42 -11.34
C GLU A 112 -16.76 9.00 -11.27
N SER A 113 -16.00 8.08 -10.68
CA SER A 113 -16.41 6.67 -10.61
C SER A 113 -17.11 6.35 -9.30
N LYS A 114 -17.44 7.40 -8.54
CA LYS A 114 -18.05 7.19 -7.23
C LYS A 114 -19.41 6.50 -7.30
N GLU A 115 -20.22 6.82 -8.31
CA GLU A 115 -21.50 6.14 -8.46
C GLU A 115 -21.29 4.73 -8.99
N LEU A 116 -20.33 4.58 -9.89
CA LEU A 116 -19.97 3.27 -10.42
C LEU A 116 -19.46 2.36 -9.28
N LEU A 117 -18.74 2.93 -8.32
CA LEU A 117 -18.25 2.16 -7.17
CA LEU A 117 -18.26 2.17 -7.16
C LEU A 117 -19.40 1.51 -6.41
N LYS A 118 -20.46 2.28 -6.15
CA LYS A 118 -21.64 1.75 -5.46
C LYS A 118 -22.28 0.59 -6.23
N PHE A 119 -22.40 0.74 -7.55
CA PHE A 119 -22.85 -0.34 -8.41
C PHE A 119 -21.97 -1.59 -8.26
N CYS A 120 -20.65 -1.40 -8.32
CA CYS A 120 -19.74 -2.53 -8.25
C CYS A 120 -19.84 -3.30 -6.94
N ARG A 121 -19.92 -2.57 -5.83
CA ARG A 121 -19.99 -3.18 -4.51
C ARG A 121 -21.24 -4.04 -4.37
N LYS A 122 -22.32 -3.64 -5.01
CA LYS A 122 -23.57 -4.37 -4.95
C LYS A 122 -23.60 -5.51 -5.98
N PHE A 123 -23.11 -5.23 -7.18
CA PHE A 123 -23.06 -6.21 -8.27
C PHE A 123 -22.24 -7.43 -7.85
N THR A 124 -21.29 -7.22 -6.95
CA THR A 124 -20.42 -8.27 -6.43
C THR A 124 -21.21 -9.49 -5.95
N VAL A 125 -22.33 -9.25 -5.27
CA VAL A 125 -23.08 -10.34 -4.66
C VAL A 125 -23.69 -11.29 -5.70
N PRO A 126 -24.52 -10.77 -6.63
CA PRO A 126 -25.05 -11.68 -7.65
C PRO A 126 -23.99 -12.20 -8.62
N LEU A 127 -22.95 -11.42 -8.90
CA LEU A 127 -21.92 -11.87 -9.83
C LEU A 127 -21.13 -13.03 -9.21
N ARG A 128 -20.82 -12.91 -7.92
CA ARG A 128 -20.12 -13.97 -7.20
C ARG A 128 -20.90 -15.28 -7.24
N ALA A 129 -22.22 -15.22 -7.02
CA ALA A 129 -23.03 -16.43 -7.12
C ALA A 129 -22.95 -17.06 -8.52
N ALA A 130 -23.02 -16.24 -9.56
CA ALA A 130 -22.95 -16.75 -10.94
C ALA A 130 -21.60 -17.37 -11.32
N LEU A 131 -20.52 -16.69 -10.93
CA LEU A 131 -19.19 -17.20 -11.17
C LEU A 131 -18.96 -18.52 -10.42
N ARG A 132 -19.57 -18.65 -9.24
CA ARG A 132 -19.51 -19.89 -8.49
C ARG A 132 -20.24 -21.01 -9.22
N ASP A 133 -21.41 -20.69 -9.76
CA ASP A 133 -22.19 -21.65 -10.54
CA ASP A 133 -22.20 -21.64 -10.55
C ASP A 133 -21.43 -22.08 -11.78
N ALA A 134 -20.69 -21.15 -12.37
CA ALA A 134 -19.95 -21.43 -13.59
C ALA A 134 -18.59 -22.10 -13.31
N GLY A 135 -18.27 -22.32 -12.04
CA GLY A 135 -17.00 -22.91 -11.65
C GLY A 135 -15.77 -21.99 -11.68
N VAL A 136 -15.98 -20.70 -11.94
CA VAL A 136 -14.87 -19.73 -11.99
C VAL A 136 -14.37 -19.42 -10.58
N LEU A 137 -15.31 -19.38 -9.64
CA LEU A 137 -15.00 -19.24 -8.23
C LEU A 137 -15.33 -20.53 -7.51
N ALA A 138 -14.49 -20.88 -6.52
CA ALA A 138 -14.82 -21.96 -5.59
C ALA A 138 -16.09 -21.56 -4.84
N ASN A 139 -16.96 -22.54 -4.55
CA ASN A 139 -18.17 -22.27 -3.79
C ASN A 139 -17.87 -21.76 -2.39
N TYR A 140 -16.67 -22.06 -1.91
CA TYR A 140 -16.26 -21.56 -0.61
C TYR A 140 -14.98 -20.70 -0.73
N GLU A 141 -14.99 -19.56 -0.08
CA GLU A 141 -13.90 -18.61 -0.16
C GLU A 141 -12.61 -19.22 0.39
N THR A 142 -11.52 -19.02 -0.36
CA THR A 142 -10.24 -19.63 -0.05
C THR A 142 -9.13 -18.61 -0.21
N PRO A 143 -8.43 -18.30 0.89
CA PRO A 143 -7.33 -17.33 0.91
C PRO A 143 -6.18 -17.65 -0.04
N LYS A 144 -5.95 -18.91 -0.41
CA LYS A 144 -4.77 -19.21 -1.21
C LYS A 144 -5.03 -19.36 -2.72
N ARG A 145 -6.29 -19.42 -3.12
CA ARG A 145 -6.62 -19.43 -4.53
C ARG A 145 -6.54 -17.98 -5.03
N PRO A 146 -6.37 -17.77 -6.35
CA PRO A 146 -6.24 -16.42 -6.87
C PRO A 146 -7.47 -15.56 -6.62
N VAL A 147 -7.26 -14.26 -6.48
CA VAL A 147 -8.36 -13.30 -6.42
C VAL A 147 -8.85 -13.04 -7.85
N VAL A 148 -10.15 -13.11 -8.08
CA VAL A 148 -10.71 -12.72 -9.38
C VAL A 148 -11.11 -11.26 -9.32
N HIS A 149 -10.64 -10.48 -10.29
CA HIS A 149 -10.96 -9.06 -10.37
C HIS A 149 -11.87 -8.78 -11.58
N VAL A 150 -12.92 -8.01 -11.36
CA VAL A 150 -13.69 -7.48 -12.48
C VAL A 150 -13.60 -5.96 -12.33
N PHE A 151 -13.00 -5.28 -13.32
CA PHE A 151 -12.57 -3.90 -13.14
C PHE A 151 -13.33 -2.98 -14.10
N PHE A 152 -14.25 -2.18 -13.56
CA PHE A 152 -15.07 -1.30 -14.40
C PHE A 152 -14.40 0.06 -14.58
N ILE A 153 -14.07 0.40 -15.83
CA ILE A 153 -13.49 1.70 -16.14
C ILE A 153 -14.56 2.75 -16.49
N ALA A 154 -15.76 2.27 -16.82
CA ALA A 154 -16.91 3.13 -17.12
C ALA A 154 -18.16 2.27 -16.99
N PRO A 155 -19.34 2.90 -16.93
CA PRO A 155 -20.56 2.07 -16.91
C PRO A 155 -20.59 1.13 -18.11
N GLY A 156 -20.83 -0.17 -17.87
CA GLY A 156 -20.88 -1.13 -18.96
C GLY A 156 -19.55 -1.49 -19.62
N CSS A 157 -18.44 -1.04 -19.05
CA CSS A 157 -17.15 -1.32 -19.62
CB CSS A 157 -16.54 -0.09 -20.20
SG CSS A 157 -17.30 0.63 -21.64
SD CSS A 157 -15.89 1.77 -22.54
C CSS A 157 -16.20 -1.86 -18.57
O CSS A 157 -15.85 -1.14 -17.65
N CYS A 158 -15.79 -3.11 -18.71
CA CYS A 158 -14.94 -3.73 -17.70
C CYS A 158 -13.90 -4.70 -18.27
N TYR A 159 -12.81 -4.83 -17.52
CA TYR A 159 -11.80 -5.86 -17.73
C TYR A 159 -12.09 -6.96 -16.73
N THR A 160 -11.61 -8.17 -17.03
CA THR A 160 -11.66 -9.28 -16.09
C THR A 160 -10.29 -9.92 -16.01
N GLY A 161 -9.93 -10.43 -14.83
CA GLY A 161 -8.65 -11.08 -14.67
C GLY A 161 -8.44 -11.53 -13.26
N TYR A 162 -7.18 -11.56 -12.80
CA TYR A 162 -6.89 -12.15 -11.51
C TYR A 162 -5.56 -11.65 -10.96
N SER A 163 -5.34 -11.92 -9.67
CA SER A 163 -4.04 -11.75 -9.05
C SER A 163 -3.81 -12.89 -8.06
N TYR A 164 -2.55 -13.13 -7.74
CA TYR A 164 -2.19 -14.19 -6.80
C TYR A 164 -2.21 -13.61 -5.39
N SER A 165 -2.81 -14.35 -4.48
CA SER A 165 -3.07 -13.85 -3.14
C SER A 165 -1.82 -13.73 -2.28
N ASN A 166 -0.72 -14.33 -2.74
CA ASN A 166 0.56 -14.19 -2.06
C ASN A 166 1.49 -13.17 -2.73
N ASN A 167 0.96 -12.41 -3.68
CA ASN A 167 1.73 -11.41 -4.41
C ASN A 167 0.85 -10.27 -4.91
N ASN A 168 0.06 -9.70 -4.00
CA ASN A 168 -0.89 -8.63 -4.34
C ASN A 168 -1.26 -7.85 -3.08
N SER A 169 -2.16 -6.88 -3.20
CA SER A 169 -2.78 -6.26 -2.02
C SER A 169 -3.92 -7.11 -1.48
N PRO A 170 -3.96 -7.30 -0.16
CA PRO A 170 -5.11 -8.03 0.37
C PRO A 170 -6.38 -7.18 0.48
N PHE A 171 -6.33 -5.93 0.05
CA PHE A 171 -7.42 -4.97 0.27
C PHE A 171 -8.14 -4.58 -1.00
N TYR A 172 -9.44 -4.31 -0.84
CA TYR A 172 -10.29 -3.89 -1.94
C TYR A 172 -9.77 -2.58 -2.50
N MET A 173 -9.53 -2.54 -3.82
CA MET A 173 -8.94 -1.39 -4.52
C MET A 173 -7.55 -1.01 -3.97
N GLY A 174 -6.93 -1.93 -3.25
CA GLY A 174 -5.65 -1.70 -2.62
C GLY A 174 -5.74 -0.69 -1.49
N ILE A 175 -6.94 -0.56 -0.90
CA ILE A 175 -7.20 0.45 0.12
C ILE A 175 -7.80 -0.19 1.37
N PRO A 176 -7.02 -0.28 2.46
CA PRO A 176 -7.59 -0.78 3.72
C PRO A 176 -8.78 0.09 4.18
N ARG A 177 -9.86 -0.55 4.63
CA ARG A 177 -11.05 0.19 5.07
C ARG A 177 -10.85 0.69 6.49
N LEU A 178 -10.72 2.00 6.65
CA LEU A 178 -10.39 2.61 7.94
C LEU A 178 -11.38 3.69 8.30
N LYS A 179 -11.77 3.72 9.58
CA LYS A 179 -12.62 4.79 10.08
C LYS A 179 -11.80 5.69 11.00
N PHE A 180 -11.90 6.99 10.81
CA PHE A 180 -11.18 7.91 11.68
C PHE A 180 -11.82 7.96 13.06
N PRO A 181 -11.04 7.68 14.10
CA PRO A 181 -11.64 7.72 15.44
C PRO A 181 -11.70 9.15 15.98
N ALA A 182 -12.86 9.53 16.51
CA ALA A 182 -13.10 10.89 16.96
C ALA A 182 -12.17 11.33 18.09
N ASP A 183 -11.66 10.37 18.86
CA ASP A 183 -10.76 10.70 19.97
C ASP A 183 -9.27 10.74 19.57
N ALA A 184 -8.97 10.56 18.29
CA ALA A 184 -7.60 10.74 17.80
C ALA A 184 -7.30 12.22 17.58
N PRO A 185 -6.09 12.66 17.95
CA PRO A 185 -5.77 14.09 17.89
C PRO A 185 -5.50 14.67 16.50
N SER A 186 -5.30 13.82 15.49
CA SER A 186 -5.14 14.32 14.12
CA SER A 186 -5.10 14.30 14.12
C SER A 186 -5.52 13.26 13.09
N ARG A 187 -5.90 13.72 11.90
CA ARG A 187 -6.28 12.78 10.84
C ARG A 187 -5.07 11.99 10.33
N SER A 188 -3.87 12.50 10.58
CA SER A 188 -2.64 11.83 10.14
C SER A 188 -2.54 10.41 10.71
N THR A 189 -3.29 10.16 11.78
CA THR A 189 -3.36 8.84 12.41
C THR A 189 -3.68 7.72 11.40
N LEU A 190 -4.43 8.06 10.36
CA LEU A 190 -4.84 7.08 9.35
C LEU A 190 -3.66 6.67 8.47
N LYS A 191 -2.68 7.55 8.31
CA LYS A 191 -1.47 7.18 7.56
C LYS A 191 -0.73 6.04 8.24
N LEU A 192 -0.53 6.14 9.54
CA LEU A 192 0.20 5.10 10.28
C LEU A 192 -0.61 3.83 10.35
N GLU A 193 -1.91 3.99 10.64
CA GLU A 193 -2.79 2.83 10.69
C GLU A 193 -2.78 2.08 9.36
N GLU A 194 -2.94 2.82 8.26
CA GLU A 194 -2.89 2.15 6.95
C GLU A 194 -1.55 1.47 6.71
N ALA A 195 -0.47 2.13 7.13
CA ALA A 195 0.87 1.53 7.01
C ALA A 195 0.98 0.20 7.74
N PHE A 196 0.46 0.12 8.96
CA PHE A 196 0.45 -1.14 9.71
C PHE A 196 -0.23 -2.23 8.86
N HIS A 197 -1.36 -1.88 8.25
CA HIS A 197 -2.10 -2.84 7.43
C HIS A 197 -1.36 -3.22 6.15
N VAL A 198 -0.75 -2.25 5.49
CA VAL A 198 -0.07 -2.49 4.22
C VAL A 198 1.24 -3.25 4.39
N PHE A 199 1.98 -2.95 5.45
CA PHE A 199 3.36 -3.44 5.62
C PHE A 199 3.53 -4.65 6.54
N ILE A 200 2.60 -4.86 7.46
CA ILE A 200 2.72 -5.94 8.44
C ILE A 200 1.58 -6.93 8.26
N PRO A 201 1.89 -8.17 7.85
CA PRO A 201 0.89 -9.23 7.66
C PRO A 201 0.02 -9.40 8.91
N ALA A 202 -1.29 -9.50 8.71
CA ALA A 202 -2.25 -9.47 9.82
C ALA A 202 -1.96 -10.52 10.89
N ASP A 203 -1.47 -11.69 10.48
CA ASP A 203 -1.19 -12.74 11.46
C ASP A 203 0.12 -12.52 12.21
N GLU A 204 0.81 -11.43 11.90
CA GLU A 204 2.03 -11.07 12.62
C GLU A 204 1.86 -9.87 13.55
N TRP A 205 0.68 -9.24 13.55
CA TRP A 205 0.48 -8.02 14.35
C TRP A 205 0.75 -8.21 15.85
N ASP A 206 0.25 -9.29 16.42
CA ASP A 206 0.37 -9.47 17.88
C ASP A 206 1.83 -9.67 18.28
N GLU A 207 2.63 -10.21 17.36
CA GLU A 207 4.04 -10.39 17.60
C GLU A 207 4.88 -9.14 17.29
N ARG A 208 4.60 -8.48 16.17
CA ARG A 208 5.47 -7.38 15.76
C ARG A 208 5.00 -5.99 16.18
N LEU A 209 3.70 -5.86 16.40
CA LEU A 209 3.10 -4.62 16.89
C LEU A 209 2.55 -4.92 18.26
N ALA A 210 3.45 -5.29 19.17
CA ALA A 210 3.07 -6.02 20.38
C ALA A 210 2.80 -5.18 21.61
N ASN A 211 1.79 -5.62 22.38
CA ASN A 211 1.54 -5.10 23.72
C ASN A 211 2.85 -4.97 24.49
N GLY A 212 3.13 -3.78 25.00
CA GLY A 212 4.28 -3.61 25.88
C GLY A 212 5.58 -3.18 25.20
N MET A 213 5.60 -3.13 23.87
CA MET A 213 6.78 -2.64 23.18
C MET A 213 6.99 -1.15 23.44
N TRP A 214 8.26 -0.74 23.45
CA TRP A 214 8.64 0.68 23.49
C TRP A 214 8.71 1.23 22.09
N ALA A 215 8.19 2.44 21.91
CA ALA A 215 8.27 3.13 20.63
C ALA A 215 8.67 4.59 20.83
N VAL A 216 9.24 5.18 19.79
CA VAL A 216 9.55 6.61 19.76
C VAL A 216 8.87 7.26 18.55
N ASP A 217 8.18 8.37 18.78
CA ASP A 217 7.48 9.08 17.73
C ASP A 217 8.15 10.44 17.55
N LEU A 218 8.91 10.59 16.48
CA LEU A 218 9.65 11.83 16.21
C LEU A 218 8.77 12.88 15.55
N GLY A 219 8.68 14.06 16.15
CA GLY A 219 7.85 15.13 15.64
C GLY A 219 6.38 14.84 15.90
N ALA A 220 6.11 14.33 17.09
CA ALA A 220 4.83 13.69 17.45
C ALA A 220 3.60 14.60 17.59
N CYS A 221 3.83 15.88 17.85
CA CYS A 221 2.75 16.82 18.17
C CYS A 221 1.70 16.92 17.06
N PRO A 222 0.40 16.85 17.40
CA PRO A 222 -0.20 16.63 18.73
C PRO A 222 -0.45 15.15 19.07
N GLY A 223 -0.17 14.23 18.16
CA GLY A 223 -0.26 12.82 18.54
C GLY A 223 -1.01 11.85 17.67
N GLY A 224 -1.20 12.16 16.39
CA GLY A 224 -1.89 11.25 15.50
C GLY A 224 -1.19 9.90 15.38
N TRP A 225 0.13 9.92 15.23
CA TRP A 225 0.88 8.67 15.11
C TRP A 225 1.06 7.97 16.47
N THR A 226 1.34 8.76 17.51
CA THR A 226 1.39 8.25 18.88
C THR A 226 0.10 7.51 19.27
N TYR A 227 -1.05 8.05 18.84
CA TYR A 227 -2.35 7.39 19.07
C TYR A 227 -2.40 5.93 18.59
N GLN A 228 -1.83 5.65 17.42
CA GLN A 228 -1.86 4.30 16.84
C GLN A 228 -0.96 3.36 17.64
N LEU A 229 0.16 3.88 18.08
CA LEU A 229 1.08 3.11 18.92
C LEU A 229 0.41 2.79 20.25
N VAL A 230 -0.22 3.80 20.86
CA VAL A 230 -0.93 3.60 22.13
C VAL A 230 -2.03 2.53 22.03
N LYS A 231 -2.79 2.58 20.93
CA LYS A 231 -3.82 1.57 20.67
C LYS A 231 -3.27 0.14 20.51
N ARG A 232 -1.98 -0.01 20.19
CA ARG A 232 -1.37 -1.35 20.19
C ARG A 232 -0.78 -1.67 21.57
N ASN A 233 -1.11 -0.85 22.56
CA ASN A 233 -0.64 -1.01 23.93
C ASN A 233 0.88 -0.94 24.06
N MET A 234 1.46 -0.03 23.28
CA MET A 234 2.86 0.28 23.38
C MET A 234 3.07 1.44 24.35
N TRP A 235 4.30 1.56 24.83
CA TRP A 235 4.76 2.69 25.62
C TRP A 235 5.54 3.60 24.69
N VAL A 236 5.15 4.87 24.63
CA VAL A 236 5.67 5.76 23.60
C VAL A 236 6.42 6.95 24.18
N TYR A 237 7.60 7.23 23.65
CA TYR A 237 8.24 8.54 23.86
C TYR A 237 7.81 9.43 22.68
N SER A 238 7.02 10.45 22.97
CA SER A 238 6.52 11.36 21.95
C SER A 238 7.38 12.63 21.96
N VAL A 239 8.14 12.83 20.89
CA VAL A 239 9.22 13.80 20.90
C VAL A 239 8.85 14.97 20.00
N ASP A 240 8.69 16.14 20.60
CA ASP A 240 8.36 17.36 19.86
C ASP A 240 8.47 18.57 20.77
N ASN A 241 8.59 19.75 20.18
CA ASN A 241 8.52 20.97 20.97
C ASN A 241 7.07 21.35 21.28
N GLY A 242 6.16 20.95 20.41
CA GLY A 242 4.74 21.15 20.62
C GLY A 242 4.17 20.14 21.60
N PRO A 243 3.02 20.48 22.21
CA PRO A 243 2.45 19.64 23.28
C PRO A 243 1.62 18.48 22.76
N MET A 244 1.60 17.38 23.50
CA MET A 244 0.78 16.23 23.13
CA MET A 244 0.78 16.24 23.10
C MET A 244 -0.63 16.36 23.67
N ALA A 245 -1.61 15.82 22.93
CA ALA A 245 -3.00 15.85 23.36
C ALA A 245 -3.13 15.27 24.76
N GLN A 246 -3.97 15.89 25.59
CA GLN A 246 -4.20 15.43 26.96
C GLN A 246 -4.80 14.03 27.02
N SER A 247 -5.66 13.70 26.05
CA SER A 247 -6.28 12.38 25.98
C SER A 247 -5.23 11.27 25.91
N LEU A 248 -4.13 11.53 25.22
CA LEU A 248 -3.02 10.57 25.13
C LEU A 248 -2.22 10.54 26.43
N MET A 249 -1.98 11.72 27.01
CA MET A 249 -1.23 11.82 28.26
C MET A 249 -1.97 11.10 29.40
N ASP A 250 -3.30 11.10 29.37
CA ASP A 250 -4.10 10.48 30.41
C ASP A 250 -4.03 8.95 30.40
N THR A 251 -3.59 8.36 29.29
CA THR A 251 -3.51 6.91 29.21
C THR A 251 -2.41 6.38 30.10
N GLY A 252 -1.44 7.23 30.41
CA GLY A 252 -0.27 6.81 31.16
C GLY A 252 0.70 6.01 30.32
N GLN A 253 0.51 5.99 29.00
CA GLN A 253 1.41 5.26 28.09
C GLN A 253 2.38 6.19 27.39
N VAL A 254 2.19 7.50 27.56
CA VAL A 254 2.97 8.46 26.77
C VAL A 254 3.88 9.33 27.62
N THR A 255 5.14 9.38 27.23
CA THR A 255 6.10 10.29 27.83
C THR A 255 6.44 11.38 26.83
N TRP A 256 6.16 12.63 27.18
CA TRP A 256 6.46 13.76 26.30
C TRP A 256 7.88 14.27 26.52
N LEU A 257 8.72 14.15 25.49
CA LEU A 257 10.04 14.74 25.51
C LEU A 257 10.06 16.01 24.65
N ARG A 258 10.22 17.15 25.30
CA ARG A 258 10.16 18.44 24.61
C ARG A 258 11.47 18.75 23.89
N GLU A 259 11.67 18.14 22.72
CA GLU A 259 12.88 18.28 21.94
C GLU A 259 12.56 18.25 20.45
N ASP A 260 13.51 18.69 19.65
CA ASP A 260 13.49 18.55 18.19
C ASP A 260 13.75 17.09 17.83
N GLY A 261 12.82 16.48 17.10
CA GLY A 261 12.98 15.09 16.70
C GLY A 261 14.25 14.82 15.91
N PHE A 262 14.72 15.83 15.19
CA PHE A 262 15.96 15.70 14.43
C PHE A 262 17.20 15.65 15.33
N LYS A 263 17.11 16.21 16.53
CA LYS A 263 18.26 16.27 17.42
C LYS A 263 18.18 15.21 18.51
N PHE A 264 17.01 14.59 18.64
CA PHE A 264 16.79 13.59 19.67
C PHE A 264 17.71 12.38 19.53
N ARG A 265 18.28 11.96 20.65
CA ARG A 265 19.09 10.75 20.72
C ARG A 265 18.55 9.90 21.88
N PRO A 266 18.16 8.65 21.58
CA PRO A 266 17.63 7.78 22.63
C PRO A 266 18.77 7.26 23.50
N THR A 267 18.53 7.16 24.79
CA THR A 267 19.49 6.55 25.70
C THR A 267 19.06 5.11 25.95
N ARG A 268 17.75 4.88 25.92
CA ARG A 268 17.16 3.54 26.07
C ARG A 268 17.57 2.61 24.92
N SER A 269 17.98 1.39 25.24
CA SER A 269 18.51 0.49 24.22
C SER A 269 17.52 -0.56 23.70
N ASN A 270 16.33 -0.63 24.29
CA ASN A 270 15.34 -1.61 23.86
C ASN A 270 14.09 -1.01 23.20
N ILE A 271 14.30 -0.02 22.34
CA ILE A 271 13.20 0.53 21.55
C ILE A 271 12.92 -0.39 20.37
N SER A 272 11.69 -0.90 20.29
CA SER A 272 11.26 -1.73 19.16
C SER A 272 10.93 -0.89 17.93
N TRP A 273 10.12 0.16 18.15
CA TRP A 273 9.60 0.94 17.02
C TRP A 273 10.01 2.40 17.06
N MET A 274 10.39 2.94 15.91
CA MET A 274 10.47 4.38 15.78
C MET A 274 9.63 4.78 14.58
N VAL A 275 8.82 5.82 14.75
CA VAL A 275 8.04 6.34 13.62
C VAL A 275 8.28 7.83 13.44
N CYS A 276 8.09 8.33 12.23
CA CYS A 276 8.44 9.70 11.91
C CYS A 276 7.61 10.25 10.75
N ASP A 277 6.83 11.30 11.02
CA ASP A 277 6.04 11.96 9.99
C ASP A 277 6.42 13.44 9.94
N MET A 278 7.71 13.73 10.02
CA MET A 278 8.19 15.11 10.07
C MET A 278 8.24 15.72 8.67
N VAL A 279 7.65 16.91 8.52
CA VAL A 279 7.71 17.65 7.28
C VAL A 279 9.11 18.25 7.11
N GLU A 280 9.91 17.66 6.24
CA GLU A 280 11.25 18.18 5.94
C GLU A 280 11.70 17.62 4.62
N LYS A 281 12.85 18.10 4.14
CA LYS A 281 13.41 17.61 2.90
C LYS A 281 13.60 16.11 3.03
N PRO A 282 13.21 15.35 2.00
CA PRO A 282 13.30 13.88 2.03
C PRO A 282 14.74 13.39 2.19
N ALA A 283 15.70 14.07 1.59
CA ALA A 283 17.10 13.67 1.75
C ALA A 283 17.52 13.73 3.23
N LYS A 284 16.98 14.70 3.96
CA LYS A 284 17.31 14.90 5.37
C LYS A 284 16.58 13.91 6.28
N VAL A 285 15.30 13.68 6.01
CA VAL A 285 14.56 12.63 6.72
C VAL A 285 15.25 11.27 6.53
N ALA A 286 15.58 10.95 5.29
CA ALA A 286 16.21 9.67 4.97
C ALA A 286 17.52 9.48 5.74
N ALA A 287 18.29 10.55 5.89
CA ALA A 287 19.53 10.48 6.66
C ALA A 287 19.28 10.21 8.14
N LEU A 288 18.25 10.83 8.71
CA LEU A 288 17.93 10.59 10.12
C LEU A 288 17.49 9.14 10.34
N MET A 289 16.67 8.65 9.41
CA MET A 289 16.19 7.27 9.48
C MET A 289 17.37 6.32 9.41
N ALA A 290 18.30 6.60 8.51
CA ALA A 290 19.51 5.79 8.37
C ALA A 290 20.38 5.82 9.64
N GLN A 291 20.46 6.98 10.31
CA GLN A 291 21.14 7.07 11.61
C GLN A 291 20.56 6.07 12.61
N TRP A 292 19.25 6.15 12.82
CA TRP A 292 18.56 5.26 13.75
C TRP A 292 18.80 3.77 13.44
N LEU A 293 18.70 3.41 12.15
CA LEU A 293 18.87 2.02 11.74
C LEU A 293 20.31 1.53 11.91
N VAL A 294 21.25 2.34 11.43
CA VAL A 294 22.67 1.95 11.51
C VAL A 294 23.13 1.83 12.96
N ASN A 295 22.66 2.71 13.84
CA ASN A 295 23.04 2.66 15.25
C ASN A 295 22.24 1.65 16.09
N GLY A 296 21.27 0.99 15.45
CA GLY A 296 20.43 0.01 16.13
C GLY A 296 19.54 0.60 17.20
N TRP A 297 19.08 1.82 16.98
CA TRP A 297 18.26 2.54 17.94
C TRP A 297 16.81 2.08 17.90
N CYS A 298 16.42 1.45 16.80
CA CYS A 298 15.11 0.81 16.70
C CYS A 298 15.23 -0.49 15.89
N ARG A 299 14.26 -1.39 16.07
CA ARG A 299 14.23 -2.63 15.30
C ARG A 299 13.43 -2.46 14.00
N GLU A 300 12.29 -1.77 14.06
CA GLU A 300 11.51 -1.47 12.86
C GLU A 300 11.14 0.01 12.84
N THR A 301 10.96 0.56 11.65
CA THR A 301 10.54 1.95 11.55
C THR A 301 9.52 2.15 10.44
N ILE A 302 8.60 3.10 10.65
CA ILE A 302 7.75 3.57 9.56
C ILE A 302 7.85 5.09 9.53
N PHE A 303 8.08 5.63 8.34
CA PHE A 303 8.29 7.06 8.19
C PHE A 303 7.86 7.52 6.80
N ASN A 304 7.58 8.82 6.71
CA ASN A 304 7.11 9.42 5.47
C ASN A 304 8.22 10.25 4.81
N LEU A 305 8.24 10.22 3.48
CA LEU A 305 9.16 11.00 2.68
C LEU A 305 8.33 11.84 1.73
N LYS A 306 8.56 13.15 1.73
CA LYS A 306 7.85 14.04 0.81
C LYS A 306 8.41 13.86 -0.59
N LEU A 307 7.52 13.89 -1.58
CA LEU A 307 7.92 13.81 -2.98
C LEU A 307 8.18 15.22 -3.50
N PRO A 308 9.11 15.35 -4.44
CA PRO A 308 9.37 16.64 -5.08
C PRO A 308 8.32 16.90 -6.14
N MET A 309 8.51 17.91 -6.96
CA MET A 309 7.50 18.25 -7.96
C MET A 309 7.64 17.35 -9.17
N LYS A 310 8.87 17.15 -9.60
CA LYS A 310 9.17 16.42 -10.83
C LYS A 310 10.11 15.28 -10.51
N LYS A 311 10.26 14.35 -11.45
CA LYS A 311 11.13 13.18 -11.25
C LYS A 311 10.89 12.51 -9.87
N ARG A 312 9.64 12.32 -9.53
CA ARG A 312 9.27 11.82 -8.20
C ARG A 312 9.72 10.38 -7.94
N TYR A 313 9.57 9.53 -8.94
CA TYR A 313 9.95 8.11 -8.82
C TYR A 313 11.47 7.99 -8.73
N GLU A 314 12.17 8.78 -9.54
CA GLU A 314 13.62 8.82 -9.53
C GLU A 314 14.13 9.27 -8.16
N GLU A 315 13.60 10.37 -7.67
CA GLU A 315 14.05 10.96 -6.43
C GLU A 315 13.78 10.17 -5.18
N VAL A 316 12.62 9.58 -5.10
CA VAL A 316 12.31 8.76 -3.94
C VAL A 316 13.09 7.44 -3.98
N SER A 317 13.34 6.90 -5.17
CA SER A 317 14.21 5.74 -5.31
C SER A 317 15.64 6.08 -4.86
N HIS A 318 16.05 7.31 -5.12
CA HIS A 318 17.38 7.79 -4.68
C HIS A 318 17.47 7.96 -3.16
N ASN A 319 16.43 8.53 -2.55
CA ASN A 319 16.33 8.58 -1.09
C ASN A 319 16.50 7.20 -0.49
N LEU A 320 15.75 6.24 -1.02
CA LEU A 320 15.81 4.87 -0.54
C LEU A 320 17.21 4.28 -0.73
N ALA A 321 17.83 4.61 -1.86
CA ALA A 321 19.19 4.16 -2.15
C ALA A 321 20.19 4.71 -1.14
N TYR A 322 20.00 5.95 -0.71
CA TYR A 322 20.86 6.52 0.34
C TYR A 322 20.82 5.68 1.61
N ILE A 323 19.61 5.32 2.06
CA ILE A 323 19.45 4.51 3.26
C ILE A 323 20.14 3.17 3.08
N GLN A 324 19.93 2.56 1.93
CA GLN A 324 20.54 1.26 1.64
C GLN A 324 22.07 1.38 1.62
N ALA A 325 22.59 2.48 1.10
CA ALA A 325 24.04 2.67 1.07
C ALA A 325 24.62 2.69 2.49
N GLN A 326 23.91 3.36 3.39
CA GLN A 326 24.33 3.43 4.79
C GLN A 326 24.28 2.05 5.45
N LEU A 327 23.25 1.27 5.14
CA LEU A 327 23.12 -0.08 5.70
C LEU A 327 24.26 -0.98 5.22
N ASP A 328 24.57 -0.90 3.92
CA ASP A 328 25.62 -1.72 3.31
C ASP A 328 27.00 -1.40 3.88
N GLU A 329 27.29 -0.14 4.04
CA GLU A 329 28.56 0.31 4.56
C GLU A 329 28.83 -0.29 5.92
N HIS A 330 27.77 -0.53 6.68
CA HIS A 330 27.92 -1.08 8.02
C HIS A 330 27.51 -2.54 8.16
N GLY A 331 27.31 -3.20 7.03
CA GLY A 331 26.98 -4.62 7.03
C GLY A 331 25.69 -4.96 7.74
N ILE A 332 24.71 -4.06 7.67
CA ILE A 332 23.44 -4.27 8.34
C ILE A 332 22.40 -4.87 7.39
N ASN A 333 21.77 -5.96 7.80
CA ASN A 333 20.70 -6.55 7.01
C ASN A 333 19.34 -5.99 7.43
N ALA A 334 18.57 -5.54 6.44
CA ALA A 334 17.25 -4.98 6.68
C ALA A 334 16.35 -5.18 5.47
N GLN A 335 15.04 -5.23 5.71
CA GLN A 335 14.07 -5.27 4.62
C GLN A 335 13.42 -3.91 4.50
N ILE A 336 13.45 -3.34 3.31
CA ILE A 336 12.82 -2.06 3.02
C ILE A 336 11.61 -2.24 2.11
N GLN A 337 10.45 -1.69 2.50
CA GLN A 337 9.32 -1.53 1.59
C GLN A 337 8.88 -0.06 1.61
N ALA A 338 8.27 0.38 0.52
CA ALA A 338 7.70 1.72 0.46
C ALA A 338 6.46 1.72 -0.42
N ARG A 339 5.51 2.59 -0.10
CA ARG A 339 4.25 2.57 -0.81
C ARG A 339 3.62 3.94 -0.67
N GLN A 340 3.13 4.48 -1.78
CA GLN A 340 2.29 5.65 -1.72
C GLN A 340 0.93 5.20 -1.21
N LEU A 341 0.70 5.37 0.10
CA LEU A 341 -0.51 4.88 0.76
C LEU A 341 -1.71 5.69 0.31
N TYR A 342 -2.93 5.16 0.52
CA TYR A 342 -4.15 5.89 0.15
C TYR A 342 -4.19 7.25 0.86
N HIS A 343 -3.78 7.25 2.12
CA HIS A 343 -3.79 8.47 2.93
C HIS A 343 -2.55 9.33 2.70
N ASP A 344 -1.70 8.90 1.76
CA ASP A 344 -0.58 9.73 1.33
C ASP A 344 -0.99 10.56 0.11
N ARG A 345 -0.66 11.84 0.14
CA ARG A 345 -0.81 12.68 -1.05
C ARG A 345 0.51 12.74 -1.81
N GLU A 346 1.21 13.88 -1.73
N GLU A 346 1.21 13.88 -1.72
CA GLU A 346 2.50 14.02 -2.41
CA GLU A 346 2.50 14.03 -2.39
C GLU A 346 3.63 13.49 -1.52
C GLU A 346 3.63 13.49 -1.51
N GLU A 347 3.49 12.25 -1.09
CA GLU A 347 4.49 11.63 -0.23
C GLU A 347 4.38 10.11 -0.35
N VAL A 348 5.37 9.42 0.17
CA VAL A 348 5.30 7.97 0.27
CA VAL A 348 5.41 7.96 0.22
C VAL A 348 5.68 7.57 1.68
N THR A 349 5.19 6.41 2.10
CA THR A 349 5.47 5.90 3.44
C THR A 349 6.47 4.75 3.30
N VAL A 350 7.46 4.70 4.17
CA VAL A 350 8.48 3.68 4.10
C VAL A 350 8.43 2.81 5.35
N HIS A 351 8.65 1.51 5.18
CA HIS A 351 8.82 0.60 6.31
C HIS A 351 10.15 -0.12 6.20
N VAL A 352 10.93 -0.08 7.27
CA VAL A 352 12.18 -0.81 7.31
C VAL A 352 12.22 -1.71 8.54
N ARG A 353 12.49 -3.00 8.33
CA ARG A 353 12.75 -3.89 9.45
C ARG A 353 14.21 -4.32 9.47
N ARG A 354 14.90 -4.04 10.57
CA ARG A 354 16.32 -4.33 10.71
C ARG A 354 16.49 -5.68 11.36
N ILE A 355 17.53 -6.40 10.97
CA ILE A 355 17.74 -7.76 11.46
C ILE A 355 19.02 -7.79 12.27
N TRP A 356 18.98 -8.46 13.43
CA TRP A 356 20.20 -8.74 14.18
C TRP A 356 20.58 -10.21 14.04
N ALA A 357 21.87 -10.48 13.82
CA ALA A 357 22.35 -11.85 13.67
C ALA A 357 22.11 -12.68 14.92
C1 GOL B . -4.32 4.36 -18.29
O1 GOL B . -3.50 5.32 -17.62
C2 GOL B . -3.62 3.72 -19.47
O2 GOL B . -2.47 3.00 -19.06
C3 GOL B . -4.58 2.76 -20.17
O3 GOL B . -4.00 2.29 -21.38
C1 GOL C . -1.07 -0.43 28.20
O1 GOL C . -2.46 -0.31 28.05
C2 GOL C . -0.75 -1.80 28.83
O2 GOL C . -1.76 -2.72 28.47
C3 GOL C . 0.61 -2.30 28.34
O3 GOL C . 0.90 -3.54 28.97
C1 GOL D . -6.37 -20.17 -12.92
O1 GOL D . -7.33 -21.05 -12.37
C2 GOL D . -5.49 -19.55 -11.82
O2 GOL D . -4.84 -20.57 -11.08
C3 GOL D . -4.50 -18.60 -12.48
O3 GOL D . -3.27 -19.25 -12.75
C1 GOL E . 11.54 0.13 -1.72
O1 GOL E . 12.95 0.13 -1.95
C2 GOL E . 10.80 -0.39 -2.94
O2 GOL E . 11.19 -1.73 -3.18
C3 GOL E . 9.29 -0.38 -2.68
O3 GOL E . 8.95 -1.41 -1.78
C1 GOL F . -8.81 -2.77 7.12
O1 GOL F . -9.47 -2.91 8.36
C2 GOL F . -8.62 -4.15 6.49
O2 GOL F . -8.67 -5.13 7.50
C3 GOL F . -9.67 -4.43 5.40
O3 GOL F . -10.07 -3.25 4.75
C1 EDO G . 15.87 9.26 26.45
O1 EDO G . 14.98 9.74 27.46
C2 EDO G . 15.20 8.10 25.70
O2 EDO G . 15.63 6.85 26.25
C1 EDO H . 7.07 -10.28 -1.87
O1 EDO H . 7.11 -9.53 -0.64
C2 EDO H . 5.63 -10.39 -2.32
O2 EDO H . 5.10 -9.10 -2.61
C1 EDO I . -12.17 11.70 -12.87
O1 EDO I . -11.12 12.19 -13.72
C2 EDO I . -12.17 12.48 -11.56
O2 EDO I . -13.42 12.39 -10.85
C1 EDO J . -11.90 10.46 -4.90
O1 EDO J . -12.52 10.37 -3.61
C2 EDO J . -10.38 10.53 -4.69
O2 EDO J . -9.72 10.74 -5.94
C1 EDO K . 5.64 4.63 -19.89
O1 EDO K . 6.66 5.00 -18.94
C2 EDO K . 6.21 3.75 -21.00
O2 EDO K . 6.11 2.35 -20.68
C1 EDO L . 10.16 20.57 -6.21
O1 EDO L . 9.77 20.27 -4.86
C2 EDO L . 11.32 19.67 -6.63
O2 EDO L . 11.15 19.23 -7.99
C1 EDO M . 8.94 10.54 -13.42
O1 EDO M . 8.54 9.97 -12.16
C2 EDO M . 8.50 9.65 -14.56
O2 EDO M . 9.43 9.79 -15.64
C1 EDO N . 0.56 6.86 -25.28
O1 EDO N . -0.80 7.24 -25.06
C2 EDO N . 1.42 7.43 -24.16
O2 EDO N . 0.56 7.73 -23.05
C1 EDO O . 16.36 20.53 21.71
O1 EDO O . 16.07 21.69 20.92
C2 EDO O . 16.38 19.30 20.81
O2 EDO O . 16.78 18.13 21.55
C1 EDO P . 5.11 -14.89 -22.38
O1 EDO P . 5.34 -15.62 -21.18
C2 EDO P . 4.65 -15.80 -23.52
O2 EDO P . 4.26 -14.99 -24.64
C1 EDO Q . 5.89 -13.56 -4.13
O1 EDO Q . 5.60 -14.66 -5.02
C2 EDO Q . 7.20 -12.90 -4.55
O2 EDO Q . 7.23 -12.71 -5.97
C1 EDO R . 15.56 4.42 -12.11
O1 EDO R . 14.78 5.61 -12.30
C2 EDO R . 15.33 3.89 -10.70
O2 EDO R . 15.62 2.48 -10.66
C1 EDO S . 10.17 -5.65 -1.92
O1 EDO S . 10.21 -6.22 -0.61
C2 EDO S . 11.39 -4.76 -2.14
O2 EDO S . 11.19 -3.55 -1.40
C1 EDO T . 2.70 -17.81 -6.68
O1 EDO T . 2.02 -18.60 -7.64
C2 EDO T . 3.40 -16.67 -7.37
O2 EDO T . 3.07 -15.48 -6.71
C1 EDO U . -13.52 -14.05 -24.50
O1 EDO U . -13.60 -15.47 -24.22
C2 EDO U . -14.82 -13.55 -25.10
O2 EDO U . -15.89 -13.75 -24.18
C1 EDO V . -18.40 -26.13 -11.51
O1 EDO V . -18.04 -27.33 -10.80
C2 EDO V . -19.85 -25.78 -11.21
O2 EDO V . -20.04 -25.58 -9.80
C1 EDO W . -5.52 2.18 26.17
O1 EDO W . -4.67 3.00 26.98
C2 EDO W . -4.73 1.61 24.98
O2 EDO W . -5.52 0.66 24.25
C1 EDO X . 17.00 -3.92 19.66
O1 EDO X . 18.22 -3.89 20.42
C2 EDO X . 16.20 -2.65 19.87
O2 EDO X . 16.83 -1.51 19.26
C1 EDO Y . 24.04 -7.42 11.68
O1 EDO Y . 24.64 -6.76 12.80
C2 EDO Y . 22.90 -6.55 11.17
O2 EDO Y . 22.20 -7.21 10.11
C1 EDO Z . -6.80 11.55 4.67
O1 EDO Z . -6.29 12.65 5.43
C2 EDO Z . -8.32 11.53 4.82
O2 EDO Z . -8.67 11.69 6.20
C1 EDO AA . -4.54 -6.33 21.58
O1 EDO AA . -5.50 -5.36 21.14
C2 EDO AA . -4.69 -7.60 20.78
O2 EDO AA . -3.45 -8.31 20.76
S SO4 BA . -16.05 -25.80 -3.97
O1 SO4 BA . -17.41 -26.37 -3.62
O2 SO4 BA . -16.12 -25.07 -5.28
O3 SO4 BA . -15.06 -26.95 -4.08
O4 SO4 BA . -15.60 -24.84 -2.89
S SO4 CA . -23.85 2.82 -0.68
O1 SO4 CA . -24.19 2.22 0.66
O2 SO4 CA . -25.04 2.67 -1.61
O3 SO4 CA . -23.54 4.28 -0.51
O4 SO4 CA . -22.67 2.11 -1.27
S SO4 DA . -23.27 -2.10 0.20
O1 SO4 DA . -24.64 -1.45 0.33
O2 SO4 DA . -22.29 -1.07 -0.31
O3 SO4 DA . -22.83 -2.60 1.55
O4 SO4 DA . -23.35 -3.24 -0.77
S SO4 EA . -3.39 14.53 7.15
O1 SO4 EA . -4.14 15.53 8.02
O2 SO4 EA . -3.58 14.90 5.70
O3 SO4 EA . -1.91 14.58 7.51
O4 SO4 EA . -3.91 13.14 7.38
#